data_9JIP
#
_entry.id   9JIP
#
_cell.length_a   52.444
_cell.length_b   53.723
_cell.length_c   140.625
_cell.angle_alpha   90.000
_cell.angle_beta   90.000
_cell.angle_gamma   90.000
#
_symmetry.space_group_name_H-M   'P 21 21 21'
#
loop_
_entity.id
_entity.type
_entity.pdbx_description
1 polymer 'Vitamin D3 dihydroxylase'
2 non-polymer 'PROTOPORPHYRIN IX CONTAINING FE'
3 non-polymer '2-[[3-(TRIFLUOROMETHYL)PHENYL]AMINO] BENZOIC ACID'
4 non-polymer 1,2-ETHANEDIOL
5 water water
#
_entity_poly.entity_id   1
_entity_poly.type   'polypeptide(L)'
_entity_poly.pdbx_seq_one_letter_code
;MTDTATTPQTTDAPAFPSNRSCPYQLPDGYAQLRDTPGPLHRVTLYDGRQAWVVTKHEAARKLLGDPRLSSNRTDDNFPA
TSPAFEAVRESPQAFIGLDPPEHGTRRRMTISEFTVKRIKGMRPEVEEVVHGFLDEMLAAGPTADLVSQFALPVPSMVIC
RLLGVPYADHEFFQDASKRLVQSTDAQSALTARNDLAGYLDGLITQFQTEPGAGLVGALVADQLANGEIDREELISTAML
LLIAGHETTASMTSLSVITLLDHPEQYAALRADRSLVPGAVEELLRYLAIADIAGGRVATADIEVEGQLIRAGEGVIVVN
SIANRDGTVYEDPDALDIHRSARHHLAFGFGVHQCLGQNLARLELEVILNALMDRVPTLRLAVPVEQLVLRPGTTIQGVN
ELPVTWHHHHHH
;
_entity_poly.pdbx_strand_id   A
#
loop_
_chem_comp.id
_chem_comp.type
_chem_comp.name
_chem_comp.formula
EDO non-polymer 1,2-ETHANEDIOL 'C2 H6 O2'
FLF non-polymer '2-[[3-(TRIFLUOROMETHYL)PHENYL]AMINO] BENZOIC ACID' 'C14 H10 F3 N O2'
HEM non-polymer 'PROTOPORPHYRIN IX CONTAINING FE' 'C34 H32 Fe N4 O4'
#
# COMPACT_ATOMS: atom_id res chain seq x y z
N ALA A 5 2.42 -13.21 37.42
CA ALA A 5 3.32 -12.07 37.38
C ALA A 5 3.16 -11.20 38.62
N THR A 6 4.29 -10.75 39.18
CA THR A 6 4.24 -9.95 40.39
C THR A 6 5.28 -8.83 40.36
N THR A 7 5.64 -8.36 39.17
CA THR A 7 6.51 -7.21 38.98
C THR A 7 5.92 -6.35 37.86
N PRO A 8 6.24 -5.05 37.84
CA PRO A 8 5.70 -4.18 36.77
C PRO A 8 6.04 -4.72 35.38
N GLN A 9 5.16 -4.44 34.42
CA GLN A 9 5.27 -4.98 33.08
C GLN A 9 5.73 -3.95 32.05
N THR A 10 6.19 -2.78 32.50
CA THR A 10 6.75 -1.80 31.58
C THR A 10 7.90 -2.41 30.78
N THR A 11 7.96 -2.08 29.48
CA THR A 11 9.01 -2.62 28.62
C THR A 11 9.66 -1.51 27.82
N ASP A 12 10.92 -1.74 27.47
CA ASP A 12 11.57 -0.73 26.64
CA ASP A 12 11.81 -0.92 26.65
C ASP A 12 11.53 -1.11 25.16
N ALA A 13 10.76 -2.13 24.81
CA ALA A 13 10.58 -2.58 23.42
C ALA A 13 9.13 -3.02 23.23
N PRO A 14 8.21 -2.06 23.15
CA PRO A 14 6.78 -2.39 23.07
C PRO A 14 6.44 -3.24 21.85
N ALA A 15 5.29 -3.92 21.95
CA ALA A 15 4.86 -4.79 20.88
C ALA A 15 4.63 -3.98 19.62
N PHE A 16 4.97 -4.57 18.47
CA PHE A 16 4.83 -3.85 17.21
C PHE A 16 4.45 -4.86 16.13
N PRO A 17 3.57 -4.51 15.19
CA PRO A 17 2.89 -3.22 15.01
C PRO A 17 1.72 -3.03 15.98
N SER A 18 1.11 -1.85 16.01
CA SER A 18 -0.11 -1.60 16.78
C SER A 18 -1.27 -1.34 15.83
N ASN A 19 -2.49 -1.47 16.37
CA ASN A 19 -3.70 -1.32 15.58
C ASN A 19 -4.24 0.09 15.67
N ARG A 20 -4.69 0.61 14.55
CA ARG A 20 -5.42 1.88 14.57
C ARG A 20 -6.80 1.66 15.17
N SER A 21 -7.21 2.62 16.00
CA SER A 21 -8.60 2.73 16.42
C SER A 21 -9.36 3.79 15.64
N CYS A 22 -8.68 4.83 15.19
CA CYS A 22 -9.21 5.83 14.27
C CYS A 22 -8.49 5.71 12.94
N PRO A 23 -9.21 5.72 11.82
CA PRO A 23 -8.56 5.47 10.53
C PRO A 23 -7.51 6.49 10.17
N TYR A 24 -7.63 7.73 10.65
CA TYR A 24 -6.74 8.80 10.23
C TYR A 24 -5.93 9.39 11.38
N GLN A 25 -5.75 8.65 12.47
CA GLN A 25 -4.79 9.07 13.48
C GLN A 25 -3.90 7.89 13.83
N LEU A 26 -2.72 8.21 14.32
CA LEU A 26 -1.80 7.16 14.73
C LEU A 26 -2.39 6.37 15.89
N PRO A 27 -2.10 5.08 15.97
CA PRO A 27 -2.28 4.36 17.23
C PRO A 27 -1.55 5.11 18.34
N ASP A 28 -2.11 5.04 19.56
CA ASP A 28 -1.52 5.81 20.65
C ASP A 28 -0.06 5.42 20.89
N GLY A 29 0.27 4.13 20.74
CA GLY A 29 1.66 3.73 20.85
C GLY A 29 2.53 4.38 19.79
N TYR A 30 2.00 4.50 18.57
CA TYR A 30 2.76 5.17 17.51
C TYR A 30 2.95 6.64 17.82
N ALA A 31 1.91 7.30 18.34
CA ALA A 31 2.07 8.67 18.80
C ALA A 31 3.16 8.78 19.87
N GLN A 32 3.24 7.78 20.75
CA GLN A 32 4.30 7.84 21.77
C GLN A 32 5.66 7.77 21.12
N LEU A 33 5.84 6.85 20.17
CA LEU A 33 7.08 6.79 19.41
C LEU A 33 7.37 8.10 18.68
N ARG A 34 6.34 8.70 18.05
CA ARG A 34 6.54 9.96 17.35
C ARG A 34 7.14 11.00 18.28
N ASP A 35 6.71 10.99 19.53
CA ASP A 35 7.15 11.98 20.51
C ASP A 35 8.45 11.62 21.20
N THR A 36 8.88 10.37 21.13
CA THR A 36 10.15 10.00 21.76
C THR A 36 11.31 10.63 20.98
N PRO A 37 12.25 11.27 21.65
CA PRO A 37 13.40 11.84 20.93
C PRO A 37 14.24 10.73 20.32
N GLY A 38 14.87 11.06 19.20
CA GLY A 38 15.70 10.11 18.52
C GLY A 38 15.02 9.52 17.30
N PRO A 39 15.84 9.15 16.32
CA PRO A 39 15.30 8.57 15.09
C PRO A 39 14.83 7.14 15.23
N LEU A 40 15.32 6.39 16.22
CA LEU A 40 15.11 4.95 16.30
C LEU A 40 14.43 4.58 17.60
N HIS A 41 13.76 3.43 17.59
CA HIS A 41 13.23 2.89 18.83
C HIS A 41 13.11 1.38 18.77
N ARG A 42 13.43 0.73 19.88
N ARG A 42 13.43 0.74 19.88
CA ARG A 42 13.30 -0.71 20.00
CA ARG A 42 13.29 -0.70 20.00
C ARG A 42 11.83 -1.10 20.08
C ARG A 42 11.81 -1.09 20.07
N VAL A 43 11.51 -2.26 19.49
CA VAL A 43 10.18 -2.87 19.56
C VAL A 43 10.35 -4.38 19.60
N THR A 44 9.28 -5.08 19.93
CA THR A 44 9.29 -6.54 19.93
C THR A 44 8.27 -7.03 18.92
N LEU A 45 8.70 -7.88 18.00
CA LEU A 45 7.81 -8.42 16.98
C LEU A 45 7.00 -9.59 17.56
N TYR A 46 6.11 -10.14 16.73
CA TYR A 46 5.14 -11.10 17.25
C TYR A 46 5.79 -12.37 17.79
N ASP A 47 6.94 -12.77 17.24
CA ASP A 47 7.58 -14.02 17.66
C ASP A 47 8.53 -13.85 18.84
N GLY A 48 8.93 -12.63 19.16
CA GLY A 48 9.84 -12.40 20.27
C GLY A 48 11.06 -11.59 19.90
N ARG A 49 11.48 -11.69 18.64
CA ARG A 49 12.59 -10.89 18.15
CA ARG A 49 12.59 -10.90 18.13
C ARG A 49 12.38 -9.42 18.46
N GLN A 50 13.44 -8.77 18.89
CA GLN A 50 13.40 -7.32 18.93
C GLN A 50 13.89 -6.76 17.61
N ALA A 51 13.49 -5.54 17.31
CA ALA A 51 13.89 -4.87 16.08
C ALA A 51 13.89 -3.38 16.36
N TRP A 52 14.44 -2.62 15.42
CA TRP A 52 14.39 -1.17 15.44
C TRP A 52 13.26 -0.69 14.54
N VAL A 53 12.63 0.42 14.93
CA VAL A 53 11.74 1.16 14.03
C VAL A 53 12.27 2.58 13.90
N VAL A 54 12.05 3.17 12.74
CA VAL A 54 12.48 4.53 12.46
C VAL A 54 11.27 5.43 12.54
N THR A 55 11.39 6.54 13.28
CA THR A 55 10.24 7.29 13.77
C THR A 55 10.34 8.79 13.45
N LYS A 56 11.27 9.19 12.59
CA LYS A 56 11.50 10.59 12.27
C LYS A 56 11.72 10.71 10.76
N HIS A 57 11.37 11.88 10.21
CA HIS A 57 11.23 12.03 8.76
C HIS A 57 12.59 11.98 8.07
N GLU A 58 13.52 12.87 8.45
CA GLU A 58 14.80 12.93 7.76
C GLU A 58 15.57 11.63 7.92
N ALA A 59 15.55 11.06 9.12
CA ALA A 59 16.27 9.81 9.34
C ALA A 59 15.69 8.68 8.52
N ALA A 60 14.38 8.73 8.28
CA ALA A 60 13.74 7.73 7.42
C ALA A 60 14.23 7.86 5.98
N ARG A 61 14.35 9.09 5.47
CA ARG A 61 14.94 9.27 4.13
C ARG A 61 16.36 8.71 4.11
N LYS A 62 17.16 9.05 5.12
CA LYS A 62 18.56 8.61 5.12
C LYS A 62 18.66 7.09 5.15
N LEU A 63 17.94 6.43 6.05
CA LEU A 63 18.06 4.99 6.13
C LEU A 63 17.47 4.28 4.92
N LEU A 64 16.44 4.87 4.29
CA LEU A 64 15.91 4.24 3.08
C LEU A 64 16.88 4.36 1.91
N GLY A 65 17.83 5.26 1.98
CA GLY A 65 18.87 5.35 0.98
C GLY A 65 20.14 4.62 1.33
N ASP A 66 20.20 3.97 2.49
CA ASP A 66 21.46 3.41 2.97
C ASP A 66 21.64 2.00 2.41
N PRO A 67 22.68 1.74 1.62
CA PRO A 67 22.83 0.41 1.02
C PRO A 67 23.13 -0.69 2.01
N ARG A 68 23.48 -0.34 3.25
CA ARG A 68 23.65 -1.28 4.35
C ARG A 68 22.33 -1.78 4.94
N LEU A 69 21.20 -1.28 4.47
CA LEU A 69 19.89 -1.77 4.87
C LEU A 69 19.31 -2.49 3.67
N SER A 70 19.32 -3.82 3.74
CA SER A 70 18.89 -4.69 2.66
C SER A 70 17.39 -4.98 2.71
N SER A 71 16.78 -5.08 1.54
CA SER A 71 15.39 -5.50 1.38
C SER A 71 15.26 -7.01 1.23
N ASN A 72 16.31 -7.78 1.51
CA ASN A 72 16.27 -9.22 1.30
C ASN A 72 15.33 -9.87 2.30
N ARG A 73 14.09 -10.15 1.88
CA ARG A 73 13.12 -10.80 2.76
C ARG A 73 13.61 -12.19 3.18
N THR A 74 14.14 -12.97 2.23
CA THR A 74 14.56 -14.35 2.52
C THR A 74 15.75 -14.44 3.47
N ASP A 75 16.33 -13.32 3.89
CA ASP A 75 17.35 -13.34 4.94
C ASP A 75 16.73 -13.78 6.26
N ASP A 76 17.50 -14.55 7.04
CA ASP A 76 16.99 -15.09 8.30
C ASP A 76 16.53 -14.00 9.25
N ASN A 77 17.30 -12.91 9.35
CA ASN A 77 17.07 -11.85 10.32
C ASN A 77 16.15 -10.75 9.80
N PHE A 78 15.53 -10.94 8.65
CA PHE A 78 14.59 -9.96 8.16
C PHE A 78 13.42 -9.83 9.12
N PRO A 79 13.00 -8.61 9.47
CA PRO A 79 11.91 -8.45 10.45
C PRO A 79 10.58 -8.89 9.87
N ALA A 80 9.95 -9.86 10.53
CA ALA A 80 8.63 -10.35 10.16
C ALA A 80 7.64 -9.83 11.19
N THR A 81 6.53 -9.27 10.71
CA THR A 81 5.59 -8.61 11.60
C THR A 81 4.36 -9.45 11.89
N SER A 82 4.25 -10.64 11.31
CA SER A 82 3.10 -11.51 11.51
C SER A 82 3.44 -12.90 10.99
N PRO A 83 2.84 -13.97 11.52
CA PRO A 83 3.07 -15.30 10.93
C PRO A 83 2.79 -15.36 9.44
N ALA A 84 1.98 -14.45 8.92
CA ALA A 84 1.58 -14.50 7.51
C ALA A 84 2.67 -13.98 6.60
N PHE A 85 3.42 -12.95 7.05
CA PHE A 85 4.48 -12.39 6.21
C PHE A 85 5.45 -13.46 5.74
N GLU A 86 5.74 -14.46 6.60
CA GLU A 86 6.66 -15.51 6.19
C GLU A 86 6.12 -16.35 5.05
N ALA A 87 4.97 -15.96 4.49
CA ALA A 87 4.63 -16.44 3.16
C ALA A 87 5.48 -15.75 2.11
N VAL A 88 5.57 -14.41 2.18
CA VAL A 88 6.41 -13.67 1.24
C VAL A 88 7.88 -13.95 1.50
N ARG A 89 8.23 -14.42 2.69
CA ARG A 89 9.62 -14.61 3.06
C ARG A 89 10.21 -15.85 2.38
N GLU A 90 9.64 -17.02 2.67
CA GLU A 90 10.09 -18.26 2.07
C GLU A 90 9.51 -18.50 0.68
N SER A 91 9.40 -17.44 -0.11
CA SER A 91 8.89 -17.47 -1.47
C SER A 91 9.83 -16.72 -2.40
N PRO A 92 9.96 -17.17 -3.65
CA PRO A 92 10.79 -16.44 -4.61
C PRO A 92 10.37 -14.98 -4.71
N GLN A 93 11.36 -14.09 -4.65
CA GLN A 93 11.15 -12.65 -4.48
C GLN A 93 10.92 -11.94 -5.82
N ALA A 94 9.97 -11.01 -5.82
CA ALA A 94 9.91 -9.96 -6.83
C ALA A 94 10.94 -8.88 -6.50
N PHE A 95 11.09 -7.89 -7.39
CA PHE A 95 12.18 -6.96 -7.16
C PHE A 95 12.03 -6.11 -5.90
N ILE A 96 10.83 -6.05 -5.29
CA ILE A 96 10.69 -5.35 -4.02
C ILE A 96 11.54 -5.98 -2.92
N GLY A 97 11.93 -7.25 -3.09
CA GLY A 97 12.83 -7.90 -2.16
C GLY A 97 14.27 -8.03 -2.62
N LEU A 98 14.66 -7.36 -3.69
CA LEU A 98 16.03 -7.40 -4.18
C LEU A 98 16.79 -6.12 -3.81
N ASP A 99 18.10 -6.26 -3.72
CA ASP A 99 19.00 -5.12 -3.61
C ASP A 99 19.68 -4.82 -4.93
N PRO A 100 20.19 -3.59 -5.13
CA PRO A 100 21.02 -3.33 -6.29
C PRO A 100 22.21 -4.25 -6.31
N PRO A 101 22.65 -4.70 -7.49
CA PRO A 101 22.18 -4.26 -8.81
C PRO A 101 21.03 -5.09 -9.36
N GLU A 102 20.70 -6.23 -8.76
CA GLU A 102 19.65 -7.10 -9.29
C GLU A 102 18.30 -6.38 -9.32
N HIS A 103 18.07 -5.52 -8.34
CA HIS A 103 16.80 -4.82 -8.23
C HIS A 103 16.50 -4.01 -9.47
N GLY A 104 17.49 -3.26 -9.96
CA GLY A 104 17.26 -2.40 -11.11
C GLY A 104 17.04 -3.17 -12.40
N THR A 105 17.73 -4.30 -12.56
CA THR A 105 17.57 -5.08 -13.79
C THR A 105 16.16 -5.62 -13.89
N ARG A 106 15.53 -5.93 -12.75
CA ARG A 106 14.16 -6.42 -12.77
C ARG A 106 13.15 -5.26 -12.85
N ARG A 107 13.35 -4.22 -12.03
CA ARG A 107 12.40 -3.11 -12.05
C ARG A 107 12.37 -2.44 -13.42
N ARG A 108 13.54 -2.31 -14.06
CA ARG A 108 13.55 -1.67 -15.37
C ARG A 108 12.74 -2.43 -16.41
N MET A 109 12.43 -3.71 -16.16
CA MET A 109 11.56 -4.41 -17.12
C MET A 109 10.12 -3.96 -17.04
N THR A 110 9.72 -3.23 -16.00
CA THR A 110 8.32 -2.86 -15.84
C THR A 110 8.07 -1.36 -15.99
N ILE A 111 9.10 -0.52 -16.04
CA ILE A 111 8.89 0.91 -15.78
C ILE A 111 8.20 1.58 -16.95
N SER A 112 8.32 1.03 -18.17
CA SER A 112 7.68 1.65 -19.32
C SER A 112 6.16 1.76 -19.16
N GLU A 113 5.56 0.88 -18.35
CA GLU A 113 4.13 0.88 -18.09
C GLU A 113 3.68 1.94 -17.09
N PHE A 114 4.63 2.62 -16.41
CA PHE A 114 4.34 3.55 -15.32
C PHE A 114 4.98 4.92 -15.54
N THR A 115 5.40 5.25 -16.76
CA THR A 115 5.97 6.57 -16.99
C THR A 115 4.90 7.65 -16.79
N VAL A 116 5.35 8.88 -16.57
CA VAL A 116 4.41 9.99 -16.45
C VAL A 116 3.57 10.12 -17.72
N LYS A 117 4.20 9.97 -18.88
CA LYS A 117 3.46 10.05 -20.13
C LYS A 117 2.38 8.98 -20.22
N ARG A 118 2.74 7.73 -19.92
CA ARG A 118 1.76 6.65 -20.00
C ARG A 118 0.61 6.87 -19.02
N ILE A 119 0.93 7.27 -17.79
CA ILE A 119 -0.11 7.44 -16.78
C ILE A 119 -1.03 8.58 -17.15
N LYS A 120 -0.48 9.71 -17.57
CA LYS A 120 -1.34 10.80 -18.02
C LYS A 120 -2.25 10.32 -19.14
N GLY A 121 -1.74 9.50 -20.05
CA GLY A 121 -2.51 8.95 -21.15
C GLY A 121 -3.62 7.98 -20.75
N MET A 122 -3.54 7.41 -19.55
CA MET A 122 -4.60 6.52 -19.08
C MET A 122 -5.78 7.26 -18.47
N ARG A 123 -5.68 8.58 -18.32
CA ARG A 123 -6.75 9.31 -17.64
C ARG A 123 -8.13 9.04 -18.24
N PRO A 124 -8.34 9.10 -19.56
CA PRO A 124 -9.70 8.79 -20.05
C PRO A 124 -10.16 7.38 -19.68
N GLU A 125 -9.27 6.39 -19.74
CA GLU A 125 -9.63 5.03 -19.36
C GLU A 125 -10.04 4.97 -17.90
N VAL A 126 -9.26 5.62 -17.02
CA VAL A 126 -9.58 5.56 -15.61
C VAL A 126 -10.92 6.22 -15.34
N GLU A 127 -11.16 7.38 -15.95
CA GLU A 127 -12.43 8.06 -15.83
C GLU A 127 -13.60 7.17 -16.27
N GLU A 128 -13.45 6.45 -17.39
CA GLU A 128 -14.50 5.53 -17.83
C GLU A 128 -14.77 4.43 -16.80
N VAL A 129 -13.69 3.83 -16.27
CA VAL A 129 -13.84 2.75 -15.29
C VAL A 129 -14.50 3.27 -14.01
N VAL A 130 -14.05 4.43 -13.53
CA VAL A 130 -14.61 5.01 -12.31
C VAL A 130 -16.11 5.28 -12.49
N HIS A 131 -16.47 5.92 -13.59
CA HIS A 131 -17.86 6.30 -13.78
C HIS A 131 -18.75 5.09 -14.03
N GLY A 132 -18.22 4.05 -14.68
CA GLY A 132 -19.02 2.86 -14.91
C GLY A 132 -19.43 2.17 -13.62
N PHE A 133 -18.44 1.87 -12.76
CA PHE A 133 -18.79 1.27 -11.49
C PHE A 133 -19.64 2.20 -10.63
N LEU A 134 -19.40 3.52 -10.70
CA LEU A 134 -20.25 4.45 -9.97
C LEU A 134 -21.71 4.33 -10.42
N ASP A 135 -21.94 4.36 -11.73
CA ASP A 135 -23.26 4.11 -12.32
C ASP A 135 -23.90 2.87 -11.73
N GLU A 136 -23.20 1.74 -11.82
CA GLU A 136 -23.77 0.48 -11.39
C GLU A 136 -24.12 0.51 -9.91
N MET A 137 -23.26 1.10 -9.09
CA MET A 137 -23.57 1.23 -7.67
C MET A 137 -24.80 2.09 -7.45
N LEU A 138 -24.82 3.28 -8.05
CA LEU A 138 -25.91 4.22 -7.80
C LEU A 138 -27.22 3.68 -8.34
N ALA A 139 -27.19 3.13 -9.57
CA ALA A 139 -28.39 2.51 -10.13
C ALA A 139 -28.90 1.38 -9.25
N ALA A 140 -27.99 0.63 -8.62
CA ALA A 140 -28.40 -0.41 -7.67
C ALA A 140 -29.07 0.16 -6.43
N GLY A 141 -28.98 1.47 -6.21
CA GLY A 141 -29.66 2.11 -5.11
C GLY A 141 -29.02 1.89 -3.76
N PRO A 142 -29.24 2.83 -2.84
CA PRO A 142 -28.66 2.69 -1.49
C PRO A 142 -29.43 1.66 -0.68
N THR A 143 -28.74 1.07 0.31
CA THR A 143 -27.35 1.37 0.65
C THR A 143 -26.37 0.66 -0.28
N ALA A 144 -25.09 0.67 0.07
CA ALA A 144 -24.10 -0.04 -0.72
C ALA A 144 -22.87 -0.30 0.15
N ASP A 145 -22.05 -1.25 -0.29
CA ASP A 145 -20.72 -1.48 0.27
C ASP A 145 -19.71 -0.84 -0.66
N LEU A 146 -19.10 0.27 -0.23
CA LEU A 146 -18.20 0.99 -1.11
C LEU A 146 -16.96 0.15 -1.46
N VAL A 147 -16.54 -0.74 -0.57
CA VAL A 147 -15.36 -1.55 -0.88
C VAL A 147 -15.64 -2.50 -2.04
N SER A 148 -16.59 -3.43 -1.85
CA SER A 148 -16.85 -4.43 -2.88
C SER A 148 -17.42 -3.82 -4.15
N GLN A 149 -18.17 -2.73 -4.05
CA GLN A 149 -18.87 -2.23 -5.24
C GLN A 149 -18.14 -1.10 -5.95
N PHE A 150 -17.03 -0.59 -5.42
CA PHE A 150 -16.42 0.55 -6.10
C PHE A 150 -14.92 0.70 -5.83
N ALA A 151 -14.54 0.79 -4.56
CA ALA A 151 -13.14 1.02 -4.22
C ALA A 151 -12.24 -0.09 -4.73
N LEU A 152 -12.71 -1.34 -4.74
CA LEU A 152 -11.84 -2.42 -5.19
C LEU A 152 -11.96 -2.66 -6.68
N PRO A 153 -13.16 -2.71 -7.27
CA PRO A 153 -13.22 -3.02 -8.72
C PRO A 153 -12.51 -2.01 -9.59
N VAL A 154 -12.55 -0.72 -9.24
CA VAL A 154 -11.98 0.30 -10.13
C VAL A 154 -10.49 0.05 -10.31
N PRO A 155 -9.65 0.05 -9.28
CA PRO A 155 -8.22 -0.17 -9.53
C PRO A 155 -7.91 -1.57 -10.01
N SER A 156 -8.78 -2.54 -9.75
CA SER A 156 -8.57 -3.89 -10.28
CA SER A 156 -8.56 -3.88 -10.27
C SER A 156 -8.71 -3.92 -11.79
N MET A 157 -9.77 -3.30 -12.31
CA MET A 157 -9.94 -3.28 -13.76
C MET A 157 -8.78 -2.56 -14.44
N VAL A 158 -8.32 -1.45 -13.83
CA VAL A 158 -7.21 -0.68 -14.41
C VAL A 158 -5.92 -1.52 -14.42
N ILE A 159 -5.55 -2.11 -13.28
CA ILE A 159 -4.28 -2.81 -13.25
C ILE A 159 -4.33 -4.09 -14.07
N CYS A 160 -5.51 -4.72 -14.13
CA CYS A 160 -5.66 -5.91 -14.98
C CYS A 160 -5.39 -5.58 -16.44
N ARG A 161 -5.90 -4.44 -16.93
CA ARG A 161 -5.61 -4.02 -18.31
C ARG A 161 -4.13 -3.74 -18.49
N LEU A 162 -3.52 -3.05 -17.53
CA LEU A 162 -2.11 -2.73 -17.59
C LEU A 162 -1.27 -4.00 -17.75
N LEU A 163 -1.65 -5.06 -17.01
CA LEU A 163 -0.86 -6.28 -16.95
C LEU A 163 -1.21 -7.27 -18.06
N GLY A 164 -2.42 -7.19 -18.60
CA GLY A 164 -2.94 -8.25 -19.44
C GLY A 164 -3.59 -9.38 -18.70
N VAL A 165 -3.97 -9.18 -17.45
CA VAL A 165 -4.77 -10.15 -16.71
C VAL A 165 -6.24 -9.96 -17.10
N PRO A 166 -6.93 -11.00 -17.55
CA PRO A 166 -8.34 -10.84 -17.95
C PRO A 166 -9.21 -10.53 -16.74
N TYR A 167 -10.01 -9.47 -16.84
CA TYR A 167 -10.81 -9.09 -15.68
C TYR A 167 -11.89 -10.12 -15.38
N ALA A 168 -12.24 -10.97 -16.36
CA ALA A 168 -13.23 -12.01 -16.15
C ALA A 168 -12.94 -12.82 -14.89
N ASP A 169 -11.68 -13.19 -14.68
CA ASP A 169 -11.29 -13.95 -13.51
C ASP A 169 -11.17 -13.09 -12.26
N HIS A 170 -11.84 -11.93 -12.20
CA HIS A 170 -11.61 -11.02 -11.07
C HIS A 170 -12.01 -11.65 -9.74
N GLU A 171 -13.16 -12.35 -9.71
CA GLU A 171 -13.60 -12.95 -8.46
C GLU A 171 -12.53 -13.86 -7.87
N PHE A 172 -11.94 -14.73 -8.69
CA PHE A 172 -10.83 -15.55 -8.23
C PHE A 172 -9.72 -14.68 -7.63
N PHE A 173 -9.07 -13.86 -8.45
CA PHE A 173 -7.84 -13.27 -7.96
C PHE A 173 -8.09 -12.16 -6.96
N GLN A 174 -9.22 -11.46 -7.06
CA GLN A 174 -9.55 -10.51 -6.00
C GLN A 174 -9.71 -11.21 -4.66
N ASP A 175 -10.38 -12.37 -4.64
CA ASP A 175 -10.49 -13.11 -3.38
C ASP A 175 -9.14 -13.63 -2.93
N ALA A 176 -8.36 -14.20 -3.85
CA ALA A 176 -7.02 -14.69 -3.47
C ALA A 176 -6.15 -13.57 -2.92
N SER A 177 -6.20 -12.39 -3.55
CA SER A 177 -5.39 -11.28 -3.06
C SER A 177 -5.81 -10.87 -1.65
N LYS A 178 -7.11 -10.85 -1.36
CA LYS A 178 -7.56 -10.61 0.00
C LYS A 178 -6.94 -11.59 0.98
N ARG A 179 -7.00 -12.89 0.66
CA ARG A 179 -6.51 -13.89 1.60
C ARG A 179 -5.01 -13.80 1.83
N LEU A 180 -4.24 -13.33 0.84
CA LEU A 180 -2.80 -13.24 1.04
C LEU A 180 -2.44 -12.07 1.95
N VAL A 181 -3.09 -10.93 1.77
CA VAL A 181 -2.63 -9.71 2.43
C VAL A 181 -3.03 -9.70 3.90
N GLN A 182 -4.14 -10.36 4.27
CA GLN A 182 -4.75 -10.15 5.57
C GLN A 182 -4.69 -11.35 6.50
N SER A 183 -4.18 -12.50 6.06
CA SER A 183 -4.21 -13.70 6.88
C SER A 183 -3.48 -13.51 8.21
N THR A 184 -3.96 -14.20 9.23
CA THR A 184 -3.31 -14.18 10.54
C THR A 184 -2.34 -15.34 10.72
N ASP A 185 -2.57 -16.47 10.06
CA ASP A 185 -1.62 -17.57 10.12
C ASP A 185 -0.81 -17.64 8.84
N ALA A 186 0.20 -18.51 8.86
CA ALA A 186 1.11 -18.60 7.73
C ALA A 186 0.52 -19.42 6.59
N GLN A 187 -0.16 -20.52 6.90
CA GLN A 187 -0.55 -21.46 5.84
C GLN A 187 -1.67 -20.88 4.98
N SER A 188 -2.63 -20.17 5.56
CA SER A 188 -3.63 -19.53 4.72
C SER A 188 -2.98 -18.49 3.81
N ALA A 189 -1.90 -17.85 4.28
CA ALA A 189 -1.17 -16.93 3.43
C ALA A 189 -0.43 -17.66 2.31
N LEU A 190 0.26 -18.76 2.64
CA LEU A 190 0.92 -19.58 1.62
C LEU A 190 -0.08 -20.03 0.57
N THR A 191 -1.25 -20.50 0.99
CA THR A 191 -2.24 -21.02 0.06
C THR A 191 -2.69 -19.95 -0.91
N ALA A 192 -2.98 -18.75 -0.40
CA ALA A 192 -3.38 -17.65 -1.28
C ALA A 192 -2.31 -17.35 -2.31
N ARG A 193 -1.05 -17.30 -1.89
CA ARG A 193 0.03 -17.07 -2.84
C ARG A 193 0.12 -18.17 -3.88
N ASN A 194 -0.15 -19.41 -3.49
CA ASN A 194 0.01 -20.51 -4.42
C ASN A 194 -1.17 -20.65 -5.36
N ASP A 195 -2.38 -20.34 -4.89
CA ASP A 195 -3.49 -20.12 -5.82
C ASP A 195 -3.12 -19.03 -6.83
N LEU A 196 -2.58 -17.92 -6.34
CA LEU A 196 -2.18 -16.83 -7.23
C LEU A 196 -1.04 -17.27 -8.15
N ALA A 197 0.03 -17.81 -7.58
CA ALA A 197 1.12 -18.33 -8.41
C ALA A 197 0.60 -19.33 -9.42
N GLY A 198 -0.32 -20.19 -9.01
CA GLY A 198 -0.89 -21.17 -9.93
C GLY A 198 -1.67 -20.52 -11.05
N TYR A 199 -2.55 -19.57 -10.73
CA TYR A 199 -3.26 -18.84 -11.78
C TYR A 199 -2.28 -18.13 -12.70
N LEU A 200 -1.24 -17.52 -12.13
CA LEU A 200 -0.31 -16.76 -12.95
C LEU A 200 0.50 -17.67 -13.87
N ASP A 201 0.88 -18.85 -13.39
CA ASP A 201 1.61 -19.80 -14.25
C ASP A 201 0.77 -20.20 -15.45
N GLY A 202 -0.53 -20.45 -15.24
CA GLY A 202 -1.38 -20.79 -16.36
C GLY A 202 -1.49 -19.68 -17.38
N LEU A 203 -1.59 -18.43 -16.91
CA LEU A 203 -1.70 -17.29 -17.81
C LEU A 203 -0.44 -17.15 -18.67
N ILE A 204 0.73 -17.38 -18.07
CA ILE A 204 1.98 -17.34 -18.85
C ILE A 204 1.96 -18.42 -19.91
N THR A 205 1.67 -19.66 -19.51
CA THR A 205 1.53 -20.76 -20.48
C THR A 205 0.52 -20.39 -21.55
N GLN A 206 -0.58 -19.73 -21.16
CA GLN A 206 -1.53 -19.24 -22.16
C GLN A 206 -0.88 -18.19 -23.06
N PHE A 207 -0.15 -17.25 -22.46
CA PHE A 207 0.67 -16.34 -23.26
C PHE A 207 1.70 -17.11 -24.07
N GLN A 208 2.21 -18.22 -23.50
CA GLN A 208 3.20 -19.00 -24.25
CA GLN A 208 3.18 -19.06 -24.21
C GLN A 208 2.61 -19.68 -25.46
N THR A 209 1.29 -19.54 -25.69
CA THR A 209 0.61 -19.97 -26.92
C THR A 209 0.20 -18.80 -27.82
N GLU A 210 -0.63 -17.86 -27.33
CA GLU A 210 -0.98 -16.69 -28.12
C GLU A 210 -0.49 -15.44 -27.42
N PRO A 211 0.44 -14.66 -28.02
CA PRO A 211 0.84 -13.39 -27.42
C PRO A 211 -0.29 -12.43 -27.13
N GLY A 212 -0.47 -12.14 -25.85
CA GLY A 212 -1.47 -11.20 -25.40
C GLY A 212 -0.88 -9.84 -25.12
N ALA A 213 -1.75 -8.85 -25.04
CA ALA A 213 -1.33 -7.50 -24.68
C ALA A 213 -1.05 -7.44 -23.19
N GLY A 214 -0.51 -6.30 -22.77
CA GLY A 214 -0.23 -6.08 -21.36
C GLY A 214 1.21 -6.44 -21.00
N LEU A 215 1.60 -6.01 -19.80
CA LEU A 215 2.98 -6.18 -19.40
C LEU A 215 3.36 -7.65 -19.29
N VAL A 216 2.45 -8.48 -18.80
CA VAL A 216 2.78 -9.90 -18.66
C VAL A 216 3.00 -10.50 -20.05
N GLY A 217 2.11 -10.20 -20.98
CA GLY A 217 2.32 -10.66 -22.36
C GLY A 217 3.66 -10.21 -22.90
N ALA A 218 4.05 -8.97 -22.59
CA ALA A 218 5.31 -8.41 -23.10
C ALA A 218 6.51 -9.11 -22.49
N LEU A 219 6.49 -9.32 -21.17
CA LEU A 219 7.58 -10.02 -20.48
C LEU A 219 7.69 -11.47 -20.93
N VAL A 220 6.55 -12.09 -21.26
CA VAL A 220 6.57 -13.46 -21.78
C VAL A 220 7.23 -13.51 -23.14
N ALA A 221 6.90 -12.56 -24.01
CA ALA A 221 7.37 -12.64 -25.38
C ALA A 221 8.81 -12.17 -25.56
N ASP A 222 9.36 -11.45 -24.57
CA ASP A 222 10.68 -10.84 -24.73
C ASP A 222 11.65 -11.36 -23.69
N GLN A 223 11.60 -10.78 -22.48
CA GLN A 223 12.56 -11.13 -21.44
C GLN A 223 12.54 -12.61 -21.10
N LEU A 224 11.35 -13.22 -21.02
CA LEU A 224 11.30 -14.64 -20.64
C LEU A 224 11.88 -15.51 -21.75
N ALA A 225 11.53 -15.19 -23.00
CA ALA A 225 12.02 -15.88 -24.18
C ALA A 225 13.51 -15.67 -24.42
N ASN A 226 14.15 -14.74 -23.69
CA ASN A 226 15.58 -14.53 -23.77
C ASN A 226 16.31 -14.99 -22.51
N GLY A 227 15.60 -15.66 -21.61
CA GLY A 227 16.22 -16.14 -20.39
C GLY A 227 16.59 -15.06 -19.42
N GLU A 228 16.14 -13.82 -19.66
CA GLU A 228 16.56 -12.70 -18.83
C GLU A 228 15.78 -12.64 -17.53
N ILE A 229 14.63 -13.29 -17.46
CA ILE A 229 13.86 -13.46 -16.24
C ILE A 229 13.43 -14.91 -16.19
N ASP A 230 13.42 -15.50 -15.00
CA ASP A 230 12.88 -16.86 -14.84
CA ASP A 230 12.88 -16.86 -14.96
C ASP A 230 11.36 -16.83 -14.74
N ARG A 231 10.74 -17.99 -14.98
CA ARG A 231 9.28 -18.08 -14.87
C ARG A 231 8.80 -17.75 -13.46
N GLU A 232 9.47 -18.29 -12.44
CA GLU A 232 9.06 -17.97 -11.08
CA GLU A 232 9.13 -17.98 -11.05
C GLU A 232 9.16 -16.48 -10.80
N GLU A 233 10.18 -15.80 -11.33
CA GLU A 233 10.31 -14.36 -11.13
C GLU A 233 9.20 -13.60 -11.83
N LEU A 234 8.86 -13.99 -13.07
CA LEU A 234 7.79 -13.31 -13.77
C LEU A 234 6.48 -13.44 -13.01
N ILE A 235 6.19 -14.65 -12.50
CA ILE A 235 5.01 -14.86 -11.66
C ILE A 235 5.03 -13.91 -10.46
N SER A 236 6.14 -13.93 -9.71
CA SER A 236 6.28 -13.10 -8.53
C SER A 236 6.10 -11.62 -8.88
N THR A 237 6.67 -11.21 -10.00
CA THR A 237 6.59 -9.82 -10.40
C THR A 237 5.17 -9.45 -10.77
N ALA A 238 4.50 -10.31 -11.54
CA ALA A 238 3.11 -10.07 -11.86
C ALA A 238 2.25 -10.06 -10.61
N MET A 239 2.54 -10.94 -9.65
CA MET A 239 1.75 -11.00 -8.42
C MET A 239 1.91 -9.72 -7.61
N LEU A 240 3.14 -9.23 -7.48
CA LEU A 240 3.36 -7.99 -6.73
C LEU A 240 2.58 -6.84 -7.35
N LEU A 241 2.65 -6.70 -8.68
CA LEU A 241 1.97 -5.57 -9.31
CA LEU A 241 1.97 -5.58 -9.34
C LEU A 241 0.46 -5.71 -9.25
N LEU A 242 -0.06 -6.93 -9.47
CA LEU A 242 -1.49 -7.16 -9.37
C LEU A 242 -2.02 -6.81 -7.98
N ILE A 243 -1.36 -7.30 -6.94
CA ILE A 243 -1.88 -7.11 -5.58
C ILE A 243 -1.71 -5.66 -5.16
N ALA A 244 -0.51 -5.10 -5.38
CA ALA A 244 -0.30 -3.70 -5.01
C ALA A 244 -1.21 -2.79 -5.83
N GLY A 245 -1.40 -3.12 -7.10
CA GLY A 245 -2.18 -2.30 -8.00
C GLY A 245 -3.61 -2.15 -7.59
N HIS A 246 -4.17 -3.09 -6.85
CA HIS A 246 -5.55 -2.89 -6.50
C HIS A 246 -5.80 -2.79 -5.01
N GLU A 247 -4.98 -3.39 -4.14
CA GLU A 247 -5.25 -3.29 -2.70
C GLU A 247 -4.90 -1.91 -2.15
N THR A 248 -3.81 -1.29 -2.60
CA THR A 248 -3.42 0.02 -2.07
C THR A 248 -4.45 1.09 -2.42
N THR A 249 -4.76 1.24 -3.71
CA THR A 249 -5.71 2.27 -4.10
C THR A 249 -7.07 2.01 -3.47
N ALA A 250 -7.51 0.74 -3.43
CA ALA A 250 -8.79 0.46 -2.77
C ALA A 250 -8.81 0.99 -1.33
N SER A 251 -7.72 0.80 -0.59
CA SER A 251 -7.68 1.30 0.78
CA SER A 251 -7.66 1.29 0.78
C SER A 251 -7.66 2.80 0.84
N MET A 252 -6.89 3.45 -0.05
CA MET A 252 -6.87 4.90 -0.06
C MET A 252 -8.25 5.46 -0.36
N THR A 253 -9.00 4.82 -1.26
CA THR A 253 -10.34 5.34 -1.56
C THR A 253 -11.26 5.26 -0.35
N SER A 254 -11.34 4.07 0.26
CA SER A 254 -12.27 3.92 1.38
CA SER A 254 -12.27 3.91 1.38
C SER A 254 -11.84 4.76 2.58
N LEU A 255 -10.55 4.79 2.89
CA LEU A 255 -10.12 5.57 4.04
C LEU A 255 -10.21 7.05 3.78
N SER A 256 -10.04 7.48 2.53
CA SER A 256 -10.17 8.89 2.20
C SER A 256 -11.62 9.34 2.36
N VAL A 257 -12.57 8.50 1.95
CA VAL A 257 -13.98 8.82 2.10
C VAL A 257 -14.32 8.97 3.59
N ILE A 258 -13.87 8.01 4.41
CA ILE A 258 -14.14 8.13 5.85
C ILE A 258 -13.54 9.42 6.39
N THR A 259 -12.33 9.75 5.96
CA THR A 259 -11.61 10.90 6.51
C THR A 259 -12.26 12.22 6.07
N LEU A 260 -12.57 12.35 4.79
CA LEU A 260 -13.19 13.58 4.29
C LEU A 260 -14.55 13.81 4.94
N LEU A 261 -15.28 12.73 5.22
CA LEU A 261 -16.58 12.93 5.85
C LEU A 261 -16.47 13.38 7.30
N ASP A 262 -15.31 13.22 7.93
CA ASP A 262 -15.09 13.77 9.26
C ASP A 262 -14.51 15.18 9.23
N HIS A 263 -14.21 15.71 8.05
CA HIS A 263 -13.74 17.08 7.87
C HIS A 263 -14.60 17.74 6.80
N PRO A 264 -15.86 18.03 7.14
CA PRO A 264 -16.81 18.43 6.10
C PRO A 264 -16.49 19.78 5.46
N GLU A 265 -15.88 20.70 6.21
CA GLU A 265 -15.52 21.99 5.64
C GLU A 265 -14.42 21.85 4.60
N GLN A 266 -13.40 21.03 4.87
CA GLN A 266 -12.38 20.78 3.86
C GLN A 266 -12.97 20.05 2.66
N TYR A 267 -13.83 19.05 2.91
CA TYR A 267 -14.44 18.33 1.80
C TYR A 267 -15.30 19.26 0.96
N ALA A 268 -16.02 20.18 1.62
CA ALA A 268 -16.82 21.16 0.89
C ALA A 268 -15.94 22.14 0.13
N ALA A 269 -14.86 22.63 0.75
CA ALA A 269 -13.90 23.45 0.00
C ALA A 269 -13.38 22.72 -1.22
N LEU A 270 -13.09 21.43 -1.07
CA LEU A 270 -12.58 20.64 -2.18
C LEU A 270 -13.61 20.57 -3.31
N ARG A 271 -14.86 20.26 -2.95
CA ARG A 271 -15.95 20.22 -3.93
CA ARG A 271 -15.90 20.22 -3.96
C ARG A 271 -16.10 21.56 -4.65
N ALA A 272 -15.85 22.66 -3.96
CA ALA A 272 -16.06 23.98 -4.54
C ALA A 272 -14.92 24.42 -5.46
N ASP A 273 -13.74 23.80 -5.36
CA ASP A 273 -12.60 24.22 -6.16
C ASP A 273 -11.80 22.96 -6.49
N ARG A 274 -12.08 22.39 -7.66
CA ARG A 274 -11.43 21.14 -8.06
C ARG A 274 -9.95 21.31 -8.33
N SER A 275 -9.46 22.55 -8.50
CA SER A 275 -8.01 22.71 -8.60
C SER A 275 -7.30 22.32 -7.31
N LEU A 276 -8.02 22.15 -6.21
CA LEU A 276 -7.45 21.68 -4.96
C LEU A 276 -7.27 20.17 -4.91
N VAL A 277 -7.88 19.42 -5.83
CA VAL A 277 -7.87 17.95 -5.71
C VAL A 277 -6.46 17.39 -5.67
N PRO A 278 -5.53 17.78 -6.57
CA PRO A 278 -4.20 17.15 -6.52
C PRO A 278 -3.47 17.38 -5.20
N GLY A 279 -3.58 18.58 -4.63
CA GLY A 279 -2.99 18.82 -3.33
C GLY A 279 -3.70 18.05 -2.24
N ALA A 280 -5.02 17.90 -2.36
CA ALA A 280 -5.77 17.13 -1.37
C ALA A 280 -5.34 15.68 -1.41
N VAL A 281 -5.10 15.14 -2.61
CA VAL A 281 -4.62 13.76 -2.72
C VAL A 281 -3.27 13.58 -2.05
N GLU A 282 -2.34 14.53 -2.26
CA GLU A 282 -1.05 14.46 -1.58
C GLU A 282 -1.22 14.49 -0.07
N GLU A 283 -2.07 15.39 0.43
CA GLU A 283 -2.27 15.46 1.87
C GLU A 283 -2.89 14.17 2.41
N LEU A 284 -3.88 13.59 1.70
CA LEU A 284 -4.46 12.35 2.17
C LEU A 284 -3.43 11.21 2.18
N LEU A 285 -2.53 11.20 1.19
CA LEU A 285 -1.46 10.19 1.14
C LEU A 285 -0.56 10.31 2.36
N ARG A 286 -0.08 11.52 2.64
CA ARG A 286 0.73 11.75 3.82
C ARG A 286 0.00 11.31 5.08
N TYR A 287 -1.25 11.76 5.21
CA TYR A 287 -2.01 11.64 6.45
C TYR A 287 -2.46 10.21 6.71
N LEU A 288 -2.80 9.46 5.65
CA LEU A 288 -3.36 8.14 5.87
C LEU A 288 -2.31 7.05 5.86
N ALA A 289 -1.18 7.28 5.17
CA ALA A 289 -0.02 6.40 5.14
C ALA A 289 -0.38 4.93 5.29
N ILE A 290 -1.06 4.38 4.29
CA ILE A 290 -1.67 3.06 4.46
C ILE A 290 -0.71 1.88 4.35
N ALA A 291 0.55 2.10 3.95
CA ALA A 291 1.48 1.00 3.71
C ALA A 291 2.66 1.06 4.69
N ASP A 292 2.40 0.75 5.97
N ASP A 292 2.40 0.73 5.95
CA ASP A 292 3.49 0.66 6.93
CA ASP A 292 3.51 0.65 6.91
C ASP A 292 4.19 -0.69 6.92
C ASP A 292 4.19 -0.71 6.94
N ILE A 293 3.54 -1.75 6.42
CA ILE A 293 4.16 -3.07 6.33
C ILE A 293 5.21 -3.05 5.23
N ALA A 294 5.37 -1.87 4.61
CA ALA A 294 6.24 -1.63 3.48
C ALA A 294 7.47 -0.83 3.88
N GLY A 295 8.08 -1.20 4.99
CA GLY A 295 9.29 -0.54 5.38
C GLY A 295 10.35 -1.46 5.96
N GLY A 296 10.18 -2.78 5.82
CA GLY A 296 11.10 -3.70 6.47
C GLY A 296 12.47 -3.71 5.81
N ARG A 297 13.51 -3.75 6.64
CA ARG A 297 14.90 -3.78 6.20
C ARG A 297 15.70 -4.60 7.19
N VAL A 298 16.81 -5.18 6.74
CA VAL A 298 17.74 -5.89 7.62
C VAL A 298 19.14 -5.36 7.36
N ALA A 299 19.85 -5.04 8.43
CA ALA A 299 21.17 -4.43 8.29
C ALA A 299 22.20 -5.52 8.01
N THR A 300 23.09 -5.24 7.05
CA THR A 300 24.16 -6.16 6.70
C THR A 300 25.50 -5.68 7.22
N ALA A 301 25.51 -4.61 8.00
CA ALA A 301 26.70 -3.99 8.56
C ALA A 301 26.23 -3.03 9.64
N ASP A 302 27.11 -2.75 10.58
CA ASP A 302 26.76 -1.80 11.64
C ASP A 302 26.46 -0.44 11.05
N ILE A 303 25.41 0.20 11.56
CA ILE A 303 24.99 1.52 11.11
C ILE A 303 24.86 2.42 12.32
N GLU A 304 25.59 3.53 12.32
CA GLU A 304 25.46 4.53 13.37
C GLU A 304 24.48 5.60 12.90
N VAL A 305 23.49 5.90 13.73
CA VAL A 305 22.45 6.87 13.42
C VAL A 305 22.25 7.76 14.65
N GLU A 306 22.80 8.96 14.60
CA GLU A 306 22.49 10.04 15.55
C GLU A 306 22.77 9.64 17.00
N GLY A 307 23.73 8.73 17.19
CA GLY A 307 24.11 8.29 18.52
C GLY A 307 23.58 6.93 18.89
N GLN A 308 22.89 6.24 17.98
CA GLN A 308 22.39 4.90 18.20
C GLN A 308 23.02 3.97 17.17
N LEU A 309 23.20 2.70 17.54
CA LEU A 309 23.94 1.76 16.71
C LEU A 309 23.02 0.63 16.27
N ILE A 310 22.83 0.50 14.96
CA ILE A 310 22.17 -0.64 14.37
C ILE A 310 23.25 -1.64 14.00
N ARG A 311 23.18 -2.84 14.58
CA ARG A 311 24.22 -3.82 14.36
C ARG A 311 23.81 -4.79 13.26
N ALA A 312 24.81 -5.31 12.55
CA ALA A 312 24.55 -6.20 11.43
C ALA A 312 23.70 -7.37 11.86
N GLY A 313 22.59 -7.58 11.17
CA GLY A 313 21.66 -8.63 11.50
C GLY A 313 20.45 -8.16 12.28
N GLU A 314 20.42 -6.90 12.71
CA GLU A 314 19.25 -6.38 13.37
C GLU A 314 18.25 -5.91 12.33
N GLY A 315 16.97 -6.19 12.59
CA GLY A 315 15.92 -5.72 11.71
C GLY A 315 15.56 -4.26 11.97
N VAL A 316 15.15 -3.58 10.89
CA VAL A 316 14.76 -2.18 10.93
C VAL A 316 13.47 -2.05 10.13
N ILE A 317 12.49 -1.33 10.67
CA ILE A 317 11.24 -0.99 9.98
C ILE A 317 11.14 0.51 9.90
N VAL A 318 11.13 1.05 8.69
CA VAL A 318 10.89 2.47 8.47
C VAL A 318 9.37 2.69 8.45
N VAL A 319 8.84 3.32 9.49
CA VAL A 319 7.39 3.41 9.69
C VAL A 319 6.96 4.78 9.16
N ASN A 320 6.52 4.81 7.89
CA ASN A 320 6.30 6.09 7.23
C ASN A 320 5.08 6.83 7.77
N SER A 321 4.14 6.14 8.43
CA SER A 321 3.02 6.86 9.01
C SER A 321 3.50 7.77 10.12
N ILE A 322 4.38 7.24 10.98
CA ILE A 322 4.95 8.06 12.06
C ILE A 322 5.88 9.12 11.49
N ALA A 323 6.69 8.75 10.50
CA ALA A 323 7.57 9.72 9.86
C ALA A 323 6.79 10.87 9.23
N ASN A 324 5.61 10.58 8.67
CA ASN A 324 4.80 11.62 8.05
C ASN A 324 4.11 12.53 9.05
N ARG A 325 4.11 12.17 10.34
CA ARG A 325 3.61 13.05 11.40
C ARG A 325 4.73 13.75 12.17
N ASP A 326 5.90 13.89 11.55
CA ASP A 326 7.03 14.61 12.12
C ASP A 326 6.77 16.11 12.05
N GLY A 327 6.56 16.74 13.22
CA GLY A 327 6.17 18.14 13.27
C GLY A 327 7.26 19.12 12.90
N THR A 328 8.52 18.69 12.80
CA THR A 328 9.54 19.58 12.28
C THR A 328 9.50 19.67 10.77
N VAL A 329 8.70 18.86 10.12
CA VAL A 329 8.53 18.89 8.68
C VAL A 329 7.15 19.40 8.29
N TYR A 330 6.10 18.84 8.90
CA TYR A 330 4.70 19.20 8.60
C TYR A 330 4.14 19.93 9.80
N GLU A 331 3.98 21.25 9.65
CA GLU A 331 3.41 22.10 10.70
CA GLU A 331 3.43 22.08 10.72
C GLU A 331 2.09 21.53 11.18
N ASP A 332 1.96 21.36 12.50
CA ASP A 332 0.70 20.83 13.05
C ASP A 332 0.39 19.51 12.37
N PRO A 333 1.23 18.48 12.55
CA PRO A 333 1.20 17.32 11.62
C PRO A 333 -0.01 16.42 11.78
N ASP A 334 -0.71 16.45 12.90
CA ASP A 334 -1.87 15.60 13.09
C ASP A 334 -3.14 16.26 12.61
N ALA A 335 -3.05 17.45 12.03
CA ALA A 335 -4.20 18.10 11.42
C ALA A 335 -4.26 17.79 9.92
N LEU A 336 -5.46 17.48 9.43
CA LEU A 336 -5.69 17.37 7.99
C LEU A 336 -5.85 18.75 7.39
N ASP A 337 -5.02 19.09 6.41
CA ASP A 337 -5.09 20.40 5.77
C ASP A 337 -4.80 20.19 4.29
N ILE A 338 -5.87 20.17 3.49
CA ILE A 338 -5.70 19.98 2.06
C ILE A 338 -5.01 21.17 1.39
N HIS A 339 -4.83 22.27 2.11
CA HIS A 339 -4.09 23.39 1.53
C HIS A 339 -2.61 23.35 1.87
N ARG A 340 -2.19 22.47 2.79
CA ARG A 340 -0.80 22.46 3.18
C ARG A 340 0.07 21.96 2.03
N SER A 341 1.38 22.20 2.15
CA SER A 341 2.35 21.50 1.34
C SER A 341 2.67 20.18 2.01
N ALA A 342 2.28 19.08 1.36
CA ALA A 342 2.65 17.75 1.81
C ALA A 342 3.84 17.20 1.04
N ARG A 343 4.60 18.08 0.36
CA ARG A 343 5.78 17.66 -0.38
C ARG A 343 6.70 16.82 0.49
N HIS A 344 7.38 15.86 -0.13
CA HIS A 344 8.40 15.03 0.52
C HIS A 344 7.84 14.02 1.53
N HIS A 345 6.54 13.80 1.59
CA HIS A 345 6.03 12.75 2.45
C HIS A 345 6.56 11.38 2.01
N LEU A 346 6.44 10.42 2.93
CA LEU A 346 7.04 9.11 2.77
C LEU A 346 5.99 8.03 2.56
N ALA A 347 4.74 8.40 2.24
CA ALA A 347 3.71 7.39 2.05
C ALA A 347 4.10 6.40 0.97
N PHE A 348 4.94 6.82 0.01
CA PHE A 348 5.40 5.99 -1.10
C PHE A 348 6.84 5.50 -0.90
N GLY A 349 7.40 5.69 0.29
CA GLY A 349 8.81 5.39 0.44
C GLY A 349 9.71 6.45 -0.18
N PHE A 350 10.95 6.04 -0.44
CA PHE A 350 12.02 6.94 -0.86
C PHE A 350 13.21 6.09 -1.27
N GLY A 351 13.93 6.53 -2.30
CA GLY A 351 15.11 5.79 -2.70
C GLY A 351 14.84 4.79 -3.79
N VAL A 352 15.66 3.73 -3.87
CA VAL A 352 15.56 2.87 -5.05
C VAL A 352 14.23 2.11 -5.09
N HIS A 353 13.57 1.88 -3.96
CA HIS A 353 12.34 1.12 -3.91
C HIS A 353 11.10 2.01 -3.86
N GLN A 354 11.27 3.32 -4.01
CA GLN A 354 10.12 4.23 -3.97
C GLN A 354 9.04 3.72 -4.93
N CYS A 355 7.79 3.84 -4.51
CA CYS A 355 6.65 3.16 -5.15
C CYS A 355 6.65 3.33 -6.67
N LEU A 356 6.67 2.20 -7.38
CA LEU A 356 6.56 2.22 -8.83
C LEU A 356 5.23 2.82 -9.30
N GLY A 357 4.15 2.54 -8.58
CA GLY A 357 2.81 2.88 -9.03
C GLY A 357 2.33 4.22 -8.56
N GLN A 358 3.20 5.07 -7.98
CA GLN A 358 2.71 6.23 -7.24
C GLN A 358 1.91 7.17 -8.10
N ASN A 359 2.31 7.35 -9.36
CA ASN A 359 1.54 8.31 -10.16
C ASN A 359 0.26 7.71 -10.69
N LEU A 360 0.21 6.38 -10.86
CA LEU A 360 -1.08 5.74 -11.14
C LEU A 360 -2.02 5.91 -9.95
N ALA A 361 -1.49 5.73 -8.75
CA ALA A 361 -2.32 5.91 -7.57
C ALA A 361 -2.82 7.34 -7.46
N ARG A 362 -1.96 8.32 -7.74
CA ARG A 362 -2.38 9.72 -7.68
C ARG A 362 -3.45 9.99 -8.72
N LEU A 363 -3.27 9.48 -9.94
CA LEU A 363 -4.27 9.66 -10.99
C LEU A 363 -5.59 9.05 -10.59
N GLU A 364 -5.56 7.78 -10.16
CA GLU A 364 -6.78 7.13 -9.71
C GLU A 364 -7.49 7.93 -8.63
N LEU A 365 -6.77 8.35 -7.58
CA LEU A 365 -7.49 9.01 -6.49
C LEU A 365 -8.04 10.36 -6.90
N GLU A 366 -7.36 11.10 -7.79
CA GLU A 366 -7.90 12.36 -8.29
C GLU A 366 -9.21 12.13 -9.06
N VAL A 367 -9.21 11.16 -9.97
CA VAL A 367 -10.43 10.87 -10.73
C VAL A 367 -11.53 10.39 -9.80
N ILE A 368 -11.20 9.57 -8.80
CA ILE A 368 -12.21 9.02 -7.91
C ILE A 368 -12.87 10.10 -7.08
N LEU A 369 -12.07 10.97 -6.46
CA LEU A 369 -12.64 12.05 -5.65
C LEU A 369 -13.49 12.98 -6.50
N ASN A 370 -13.00 13.35 -7.67
CA ASN A 370 -13.80 14.21 -8.54
C ASN A 370 -15.10 13.53 -8.93
N ALA A 371 -15.06 12.22 -9.24
CA ALA A 371 -16.29 11.54 -9.66
C ALA A 371 -17.27 11.39 -8.50
N LEU A 372 -16.77 11.15 -7.29
CA LEU A 372 -17.65 11.07 -6.13
C LEU A 372 -18.35 12.41 -5.88
N MET A 373 -17.60 13.51 -5.98
CA MET A 373 -18.18 14.83 -5.74
C MET A 373 -19.11 15.23 -6.87
N ASP A 374 -18.82 14.78 -8.10
CA ASP A 374 -19.70 15.07 -9.24
C ASP A 374 -21.02 14.33 -9.13
N ARG A 375 -20.95 13.03 -8.84
CA ARG A 375 -22.07 12.13 -9.03
C ARG A 375 -22.79 11.77 -7.74
N VAL A 376 -22.13 11.83 -6.58
CA VAL A 376 -22.83 11.52 -5.34
C VAL A 376 -22.33 12.42 -4.21
N PRO A 377 -22.51 13.74 -4.33
CA PRO A 377 -22.07 14.64 -3.25
C PRO A 377 -22.73 14.39 -1.91
N THR A 378 -23.85 13.68 -1.85
CA THR A 378 -24.49 13.39 -0.58
C THR A 378 -24.07 12.05 0.01
N LEU A 379 -23.05 11.41 -0.54
CA LEU A 379 -22.55 10.17 0.03
C LEU A 379 -22.25 10.37 1.52
N ARG A 380 -22.71 9.43 2.36
CA ARG A 380 -22.38 9.45 3.77
C ARG A 380 -22.32 8.03 4.29
N LEU A 381 -21.66 7.86 5.44
CA LEU A 381 -21.60 6.55 6.07
C LEU A 381 -22.98 6.12 6.56
N ALA A 382 -23.35 4.88 6.25
CA ALA A 382 -24.59 4.27 6.71
C ALA A 382 -24.49 3.73 8.14
N VAL A 383 -23.32 3.84 8.77
CA VAL A 383 -23.12 3.51 10.18
C VAL A 383 -22.19 4.56 10.77
N PRO A 384 -22.21 4.71 12.11
CA PRO A 384 -21.27 5.63 12.74
C PRO A 384 -19.82 5.15 12.61
N VAL A 385 -18.90 6.09 12.76
CA VAL A 385 -17.49 5.84 12.47
C VAL A 385 -16.96 4.68 13.31
N GLU A 386 -17.43 4.54 14.55
CA GLU A 386 -16.93 3.48 15.43
C GLU A 386 -17.84 2.25 15.42
N GLN A 387 -18.59 2.04 14.35
CA GLN A 387 -19.13 0.73 14.00
C GLN A 387 -18.32 0.07 12.89
N LEU A 388 -17.29 0.75 12.38
CA LEU A 388 -16.46 0.22 11.31
C LEU A 388 -15.37 -0.67 11.89
N VAL A 389 -15.04 -1.73 11.16
CA VAL A 389 -13.98 -2.66 11.54
C VAL A 389 -12.76 -2.31 10.70
N LEU A 390 -11.73 -1.78 11.33
CA LEU A 390 -10.46 -1.49 10.66
C LEU A 390 -9.57 -2.73 10.67
N ARG A 391 -8.69 -2.80 9.67
CA ARG A 391 -7.72 -3.88 9.63
C ARG A 391 -6.64 -3.66 10.69
N PRO A 392 -5.99 -4.73 11.13
CA PRO A 392 -4.89 -4.57 12.10
C PRO A 392 -3.64 -4.04 11.41
N GLY A 393 -2.72 -3.55 12.24
CA GLY A 393 -1.49 -2.93 11.77
C GLY A 393 -0.53 -3.86 11.06
N THR A 394 -0.83 -5.15 11.04
CA THR A 394 0.00 -6.15 10.37
C THR A 394 -0.27 -6.25 8.88
N THR A 395 -1.10 -5.39 8.32
CA THR A 395 -1.41 -5.48 6.90
C THR A 395 -1.63 -4.06 6.37
N ILE A 396 -1.97 -3.96 5.08
CA ILE A 396 -2.34 -2.67 4.52
C ILE A 396 -3.55 -2.11 5.26
N GLN A 397 -3.46 -0.85 5.69
CA GLN A 397 -4.56 -0.22 6.42
C GLN A 397 -5.81 -0.13 5.55
N GLY A 398 -6.96 -0.12 6.21
CA GLY A 398 -8.22 0.06 5.50
C GLY A 398 -9.34 -0.64 6.24
N VAL A 399 -10.46 -0.79 5.54
CA VAL A 399 -11.65 -1.44 6.07
C VAL A 399 -12.07 -2.53 5.12
N ASN A 400 -12.54 -3.66 5.66
CA ASN A 400 -13.06 -4.70 4.76
C ASN A 400 -14.45 -4.39 4.24
N GLU A 401 -15.18 -3.49 4.92
CA GLU A 401 -16.53 -3.12 4.52
C GLU A 401 -16.74 -1.66 4.86
N LEU A 402 -17.41 -0.93 3.95
CA LEU A 402 -17.76 0.47 4.20
C LEU A 402 -19.21 0.67 3.77
N PRO A 403 -20.16 0.47 4.70
CA PRO A 403 -21.56 0.71 4.35
C PRO A 403 -21.79 2.20 4.16
N VAL A 404 -22.35 2.57 3.01
CA VAL A 404 -22.59 3.96 2.66
C VAL A 404 -24.01 4.07 2.13
N THR A 405 -24.53 5.29 2.16
CA THR A 405 -25.82 5.61 1.60
C THR A 405 -25.74 7.01 1.04
N TRP A 406 -26.81 7.46 0.39
CA TRP A 406 -26.86 8.79 -0.19
C TRP A 406 -28.32 9.19 -0.34
N HIS A 407 -28.53 10.48 -0.62
CA HIS A 407 -29.86 10.96 -0.97
C HIS A 407 -30.14 10.60 -2.43
N HIS A 408 -31.13 9.75 -2.65
CA HIS A 408 -31.37 9.21 -3.99
C HIS A 408 -31.93 10.29 -4.91
N HIS A 409 -31.36 10.37 -6.12
CA HIS A 409 -31.88 11.22 -7.18
C HIS A 409 -31.89 10.44 -8.49
N HIS A 410 -32.62 10.97 -9.46
CA HIS A 410 -33.23 10.14 -10.49
C HIS A 410 -32.83 10.56 -11.91
CHA HEM B . 6.56 0.13 -3.42
CHB HEM B . 3.11 2.50 -0.98
CHC HEM B . 0.20 2.20 -4.83
CHD HEM B . 3.38 -0.84 -6.92
C1A HEM B . 5.89 0.83 -2.44
C2A HEM B . 6.47 1.26 -1.18
C3A HEM B . 5.51 1.93 -0.51
C4A HEM B . 4.30 1.93 -1.31
CMA HEM B . 5.69 2.56 0.89
CAA HEM B . 7.95 1.04 -0.71
CBA HEM B . 8.23 -0.38 -0.23
CGA HEM B . 9.65 -0.50 0.30
O1A HEM B . 10.38 0.52 0.42
O2A HEM B . 10.06 -1.65 0.61
C1B HEM B . 2.04 2.64 -1.82
C2B HEM B . 0.88 3.45 -1.53
C3B HEM B . 0.07 3.36 -2.58
C4B HEM B . 0.68 2.52 -3.57
CMB HEM B . 0.59 4.25 -0.24
CAB HEM B . -1.29 4.09 -2.62
CBB HEM B . -2.27 3.83 -3.50
C1C HEM B . 0.80 1.35 -5.72
C2C HEM B . 0.28 0.95 -7.02
C3C HEM B . 1.14 0.10 -7.59
C4C HEM B . 2.27 -0.06 -6.69
CMC HEM B . -1.07 1.41 -7.59
CAC HEM B . 0.89 -0.53 -8.97
CBC HEM B . 1.49 -1.62 -9.38
C1D HEM B . 4.53 -0.85 -6.15
C2D HEM B . 5.74 -1.60 -6.41
C3D HEM B . 6.62 -1.33 -5.44
C4D HEM B . 5.98 -0.41 -4.53
CMD HEM B . 6.02 -2.54 -7.60
CAD HEM B . 8.06 -1.90 -5.26
CBD HEM B . 9.05 -0.95 -5.88
CGD HEM B . 10.46 -1.42 -5.71
O1D HEM B . 11.30 -1.02 -6.53
O2D HEM B . 10.74 -2.23 -4.79
NA HEM B . 4.58 1.27 -2.48
NB HEM B . 1.90 2.07 -3.08
NC HEM B . 2.01 0.71 -5.59
ND HEM B . 4.69 -0.12 -4.99
FE HEM B . 3.39 1.14 -4.15
C1 FLF C . 4.64 -8.77 -2.22
O1 FLF C . 6.06 -7.52 -0.76
C2 FLF C . 4.54 -10.01 -2.86
C3 FLF C . 3.40 -10.44 -3.51
O2 FLF C . 6.90 -9.25 -1.90
C4 FLF C . 2.30 -9.59 -3.52
C5 FLF C . 2.36 -8.36 -2.89
C6 FLF C . 3.52 -7.91 -2.23
C7 FLF C . 5.97 -8.47 -1.56
N FLF C . 3.62 -6.68 -1.60
C1' FLF C . 2.70 -5.65 -1.42
C2' FLF C . 3.18 -4.32 -1.47
C3' FLF C . 2.32 -3.25 -1.30
C4' FLF C . 0.96 -3.45 -1.06
C5' FLF C . 0.49 -4.75 -1.01
C6' FLF C . 1.34 -5.84 -1.17
C7' FLF C . 2.89 -1.87 -1.37
F1 FLF C . 2.57 -1.24 -2.51
F2 FLF C . 2.49 -1.07 -0.37
F3 FLF C . 4.21 -1.86 -1.27
C1 EDO D . 13.39 17.39 2.21
O1 EDO D . 14.48 18.13 2.68
C2 EDO D . 12.66 16.71 3.34
O2 EDO D . 11.87 17.64 4.05
C1 EDO E . 17.38 -16.58 -25.75
O1 EDO E . 16.98 -17.89 -25.43
C2 EDO E . 17.23 -16.23 -27.20
O2 EDO E . 15.94 -15.75 -27.38
C1 EDO F . 2.23 15.99 -6.96
O1 EDO F . 2.49 15.04 -7.95
C2 EDO F . 3.53 16.70 -6.63
O2 EDO F . 4.24 15.92 -5.70
C1 EDO G . 2.13 -23.39 -10.13
O1 EDO G . 1.56 -23.80 -8.89
C2 EDO G . 3.57 -22.98 -9.94
O2 EDO G . 3.72 -22.24 -8.76
C1 EDO H . -27.06 10.39 -6.63
O1 EDO H . -27.25 10.94 -5.34
C2 EDO H . -27.35 8.91 -6.61
O2 EDO H . -28.74 8.66 -6.71
C1 EDO I . -19.08 22.67 -1.90
O1 EDO I . -19.69 21.72 -1.05
C2 EDO I . -19.99 22.92 -3.09
O2 EDO I . -19.28 23.49 -4.16
C1 EDO J . 2.69 20.87 -6.36
O1 EDO J . 1.77 19.86 -5.97
C2 EDO J . 3.15 21.66 -5.14
O2 EDO J . 4.06 20.89 -4.36
#